data_4D7Q
#
_entry.id   4D7Q
#
_cell.length_a   40.310
_cell.length_b   77.440
_cell.length_c   119.110
_cell.angle_alpha   90.00
_cell.angle_beta   90.00
_cell.angle_gamma   90.00
#
_symmetry.space_group_name_H-M   'P 21 21 21'
#
loop_
_entity.id
_entity.type
_entity.pdbx_description
1 polymer 'RALF, PROLINE/BETAINE TRANSPORTER'
2 non-polymer '4-(2-HYDROXYETHYL)-1-PIPERAZINE ETHANESULFONIC ACID'
3 non-polymer 'NITRATE ION'
4 non-polymer GLYCEROL
5 non-polymer DI(HYDROXYETHYL)ETHER
6 water water
#
_entity_poly.entity_id   1
_entity_poly.type   'polypeptide(L)'
_entity_poly.pdbx_seq_one_letter_code
;MKHHHHHHPEIEKAQREIIEAFNAKPKNGINKIKEICEQYKISPNEEIAEFFHQQRKNLDLEAVGDYLSSPEAENQQVLK
AFTSQMNFNGQSFVEGLRTFLKTFKLPGEAQKIDRLVQSFSGAYFQQNPDVVSNADAAYLLAFQTIMLNTDLHNPSIPEK
NKMTVYGLKRNLRGGNNGGDFDAKFLEELYSEIKAKPFELNFVDSSPGYQINNISSQNDKTFKQLNQFLEEKRNIQNIFP
KLQNNNLTIEFKNPKTFLSKFTGYKGSVIIKDEKSGAAEIQVYKPSIFSRWFLGEKSKIIIQPLREEGRQPSEQSLKLAA
QITASFETKVTSIKATYDYLKEDLKSQYDNIR
;
_entity_poly.pdbx_strand_id   A
#
# COMPACT_ATOMS: atom_id res chain seq x y z
N HIS A 6 24.46 16.68 -3.88
CA HIS A 6 25.67 16.09 -3.33
C HIS A 6 25.37 15.41 -2.01
N HIS A 7 26.35 14.65 -1.51
CA HIS A 7 26.24 13.94 -0.26
C HIS A 7 27.57 13.99 0.41
N HIS A 8 27.59 13.68 1.70
CA HIS A 8 28.81 13.54 2.46
C HIS A 8 29.66 12.49 1.71
N PRO A 9 31.00 12.65 1.62
CA PRO A 9 31.81 11.65 0.90
C PRO A 9 31.63 10.21 1.39
N GLU A 10 31.31 10.03 2.69
CA GLU A 10 31.09 8.71 3.28
C GLU A 10 29.88 8.02 2.69
N ILE A 11 28.81 8.80 2.40
CA ILE A 11 27.61 8.27 1.74
C ILE A 11 27.96 7.94 0.26
N GLU A 12 28.66 8.84 -0.44
CA GLU A 12 29.09 8.68 -1.83
C GLU A 12 29.94 7.43 -2.09
N LYS A 13 30.97 7.20 -1.24
CA LYS A 13 31.89 6.04 -1.31
C LYS A 13 31.12 4.73 -1.17
N ALA A 14 30.18 4.69 -0.20
CA ALA A 14 29.40 3.50 0.15
C ALA A 14 28.18 3.18 -0.74
N GLN A 15 27.92 4.01 -1.80
CA GLN A 15 26.77 3.79 -2.69
C GLN A 15 26.59 2.36 -3.18
N ARG A 16 27.55 1.75 -3.69
CA ARG A 16 27.52 0.35 -4.14
C ARG A 16 27.26 -0.62 -3.00
N GLU A 17 27.91 -0.55 -1.99
CA GLU A 17 27.67 -1.39 -0.82
C GLU A 17 26.19 -1.24 -0.34
N ILE A 18 25.67 0.00 -0.29
CA ILE A 18 24.30 0.27 0.16
C ILE A 18 23.33 -0.40 -0.82
N ILE A 19 23.55 -0.21 -2.14
CA ILE A 19 22.70 -0.81 -3.18
C ILE A 19 22.62 -2.34 -3.02
N GLU A 20 23.77 -3.02 -2.98
CA GLU A 20 23.86 -4.48 -2.87
C GLU A 20 23.24 -5.00 -1.57
N ALA A 21 23.51 -4.32 -0.44
CA ALA A 21 22.92 -4.72 0.86
C ALA A 21 21.40 -4.55 0.82
N PHE A 22 20.89 -3.41 0.28
CA PHE A 22 19.46 -3.10 0.17
C PHE A 22 18.73 -4.12 -0.68
N ASN A 23 19.27 -4.44 -1.84
CA ASN A 23 18.65 -5.40 -2.77
C ASN A 23 18.55 -6.82 -2.20
N ALA A 24 19.57 -7.25 -1.43
CA ALA A 24 19.58 -8.57 -0.79
C ALA A 24 18.57 -8.58 0.37
N LYS A 25 18.64 -7.55 1.24
CA LYS A 25 17.72 -7.39 2.38
C LYS A 25 17.56 -5.88 2.66
N PRO A 26 16.44 -5.27 2.25
CA PRO A 26 16.26 -3.79 2.43
C PRO A 26 16.59 -3.20 3.79
N LYS A 27 16.23 -3.92 4.87
CA LYS A 27 16.51 -3.55 6.26
C LYS A 27 18.00 -3.24 6.49
N ASN A 28 18.89 -4.09 5.92
CA ASN A 28 20.33 -3.97 6.01
C ASN A 28 20.89 -2.76 5.26
N GLY A 29 20.29 -2.44 4.09
CA GLY A 29 20.68 -1.28 3.29
C GLY A 29 20.32 -0.01 4.02
N ILE A 30 19.09 0.03 4.60
CA ILE A 30 18.59 1.15 5.39
C ILE A 30 19.47 1.33 6.62
N ASN A 31 19.77 0.22 7.33
CA ASN A 31 20.61 0.28 8.53
C ASN A 31 22.01 0.74 8.21
N LYS A 32 22.55 0.39 7.02
CA LYS A 32 23.89 0.86 6.61
C LYS A 32 23.87 2.39 6.45
N ILE A 33 22.79 2.95 5.85
CA ILE A 33 22.65 4.40 5.69
C ILE A 33 22.60 5.04 7.09
N LYS A 34 21.74 4.49 7.98
CA LYS A 34 21.61 5.03 9.33
C LYS A 34 22.92 5.05 10.13
N GLU A 35 23.73 3.99 10.00
CA GLU A 35 25.02 3.86 10.68
C GLU A 35 25.99 4.95 10.25
N ILE A 36 26.10 5.21 8.91
CA ILE A 36 26.95 6.24 8.31
C ILE A 36 26.48 7.59 8.82
N CYS A 37 25.17 7.83 8.76
CA CYS A 37 24.61 9.09 9.23
C CYS A 37 24.89 9.36 10.71
N GLU A 38 24.80 8.32 11.56
CA GLU A 38 25.06 8.44 12.99
C GLU A 38 26.53 8.74 13.28
N GLN A 39 27.45 8.03 12.62
CA GLN A 39 28.89 8.24 12.81
C GLN A 39 29.35 9.57 12.21
N TYR A 40 28.87 9.96 11.05
CA TYR A 40 29.34 11.17 10.40
C TYR A 40 28.50 12.42 10.61
N LYS A 41 27.54 12.35 11.50
CA LYS A 41 26.71 13.49 11.94
C LYS A 41 25.86 14.11 10.81
N ILE A 42 25.14 13.23 10.08
CA ILE A 42 24.28 13.54 8.93
C ILE A 42 22.84 13.18 9.31
N SER A 43 21.86 14.02 8.91
CA SER A 43 20.43 13.80 9.14
C SER A 43 19.93 12.61 8.28
N PRO A 44 19.55 11.47 8.92
CA PRO A 44 19.25 10.26 8.15
C PRO A 44 18.02 10.18 7.26
N ASN A 45 16.89 10.80 7.65
CA ASN A 45 15.67 10.71 6.84
C ASN A 45 15.82 11.25 5.43
N GLU A 46 16.51 12.41 5.30
CA GLU A 46 16.81 13.04 4.03
C GLU A 46 17.75 12.20 3.18
N GLU A 47 18.73 11.51 3.82
CA GLU A 47 19.67 10.64 3.09
C GLU A 47 18.96 9.43 2.50
N ILE A 48 18.09 8.76 3.29
CA ILE A 48 17.34 7.59 2.81
C ILE A 48 16.46 8.01 1.63
N ALA A 49 15.74 9.14 1.79
CA ALA A 49 14.88 9.71 0.75
C ALA A 49 15.65 10.01 -0.53
N GLU A 50 16.81 10.70 -0.42
CA GLU A 50 17.62 11.04 -1.58
C GLU A 50 18.25 9.82 -2.23
N PHE A 51 18.59 8.81 -1.42
CA PHE A 51 19.13 7.52 -1.91
C PHE A 51 18.09 6.87 -2.82
N PHE A 52 16.81 6.83 -2.39
CA PHE A 52 15.71 6.25 -3.19
C PHE A 52 15.53 6.98 -4.53
N HIS A 53 15.56 8.32 -4.54
CA HIS A 53 15.42 9.12 -5.76
C HIS A 53 16.61 8.93 -6.68
N GLN A 54 17.82 9.15 -6.14
CA GLN A 54 19.07 9.09 -6.91
C GLN A 54 19.45 7.72 -7.41
N GLN A 55 19.20 6.67 -6.63
CA GLN A 55 19.55 5.30 -7.05
C GLN A 55 18.38 4.48 -7.57
N ARG A 56 17.24 5.13 -7.92
CA ARG A 56 16.03 4.46 -8.43
C ARG A 56 16.34 3.35 -9.47
N LYS A 57 17.24 3.61 -10.42
CA LYS A 57 17.64 2.67 -11.49
C LYS A 57 18.22 1.37 -10.95
N ASN A 58 18.84 1.44 -9.78
CA ASN A 58 19.62 0.32 -9.22
C ASN A 58 18.95 -0.52 -8.15
N LEU A 59 17.80 -0.07 -7.67
CA LEU A 59 17.14 -0.69 -6.53
C LEU A 59 15.92 -1.53 -6.84
N ASP A 60 15.58 -2.39 -5.91
CA ASP A 60 14.35 -3.17 -5.92
C ASP A 60 13.30 -2.12 -5.51
N LEU A 61 12.54 -1.65 -6.51
CA LEU A 61 11.52 -0.61 -6.39
C LEU A 61 10.29 -1.06 -5.63
N GLU A 62 10.05 -2.34 -5.61
CA GLU A 62 8.96 -2.89 -4.84
C GLU A 62 9.28 -2.63 -3.36
N ALA A 63 10.55 -2.86 -2.95
CA ALA A 63 11.05 -2.67 -1.57
C ALA A 63 11.14 -1.21 -1.21
N VAL A 64 11.50 -0.35 -2.20
CA VAL A 64 11.54 1.10 -2.01
C VAL A 64 10.11 1.61 -1.70
N GLY A 65 9.13 1.25 -2.55
CA GLY A 65 7.72 1.60 -2.41
C GLY A 65 7.13 1.09 -1.11
N ASP A 66 7.50 -0.14 -0.71
CA ASP A 66 7.04 -0.76 0.53
C ASP A 66 7.54 -0.02 1.77
N TYR A 67 8.82 0.36 1.77
CA TYR A 67 9.39 1.07 2.90
C TYR A 67 8.77 2.46 3.01
N LEU A 68 8.69 3.18 1.87
CA LEU A 68 8.13 4.53 1.85
C LEU A 68 6.67 4.63 2.34
N SER A 69 5.86 3.60 2.05
CA SER A 69 4.42 3.61 2.38
C SER A 69 4.06 2.92 3.70
N SER A 70 5.08 2.53 4.50
CA SER A 70 4.90 1.81 5.77
C SER A 70 4.45 2.73 6.92
N PRO A 71 3.85 2.17 8.00
CA PRO A 71 3.25 3.02 9.05
C PRO A 71 4.12 3.64 10.11
N GLU A 72 5.33 3.14 10.35
CA GLU A 72 6.18 3.66 11.43
C GLU A 72 6.71 5.05 11.20
N ALA A 73 6.96 5.79 12.30
CA ALA A 73 7.42 7.17 12.33
C ALA A 73 8.54 7.45 11.33
N GLU A 74 9.60 6.63 11.34
CA GLU A 74 10.74 6.74 10.43
C GLU A 74 10.28 6.70 8.96
N ASN A 75 9.52 5.69 8.57
CA ASN A 75 9.00 5.57 7.23
C ASN A 75 8.23 6.82 6.77
N GLN A 76 7.35 7.28 7.62
CA GLN A 76 6.50 8.45 7.38
C GLN A 76 7.35 9.67 7.20
N GLN A 77 8.41 9.83 8.04
CA GLN A 77 9.30 10.97 7.97
C GLN A 77 10.14 10.90 6.70
N VAL A 78 10.55 9.69 6.31
CA VAL A 78 11.31 9.47 5.08
C VAL A 78 10.45 9.84 3.86
N LEU A 79 9.18 9.35 3.83
CA LEU A 79 8.25 9.65 2.75
C LEU A 79 7.95 11.19 2.64
N LYS A 80 7.82 11.89 3.78
CA LYS A 80 7.60 13.35 3.75
C LYS A 80 8.79 14.02 3.05
N ALA A 81 10.03 13.58 3.37
CA ALA A 81 11.24 14.12 2.76
C ALA A 81 11.31 13.74 1.26
N PHE A 82 10.97 12.48 0.94
CA PHE A 82 10.96 11.95 -0.41
C PHE A 82 10.03 12.76 -1.33
N THR A 83 8.77 12.95 -0.91
CA THR A 83 7.77 13.72 -1.69
C THR A 83 8.09 15.22 -1.81
N SER A 84 8.61 15.86 -0.72
CA SER A 84 8.97 17.29 -0.70
C SER A 84 10.08 17.64 -1.68
N GLN A 85 10.90 16.64 -2.04
CA GLN A 85 12.01 16.74 -2.99
C GLN A 85 11.49 16.72 -4.44
N MET A 86 10.19 16.43 -4.62
CA MET A 86 9.58 16.43 -5.96
C MET A 86 9.08 17.85 -6.24
N ASN A 87 9.25 18.30 -7.47
CA ASN A 87 8.85 19.67 -7.80
C ASN A 87 7.49 19.66 -8.47
N PHE A 88 6.43 20.07 -7.73
CA PHE A 88 5.06 20.12 -8.26
C PHE A 88 4.62 21.53 -8.63
N ASN A 89 5.47 22.54 -8.32
CA ASN A 89 5.13 23.93 -8.61
C ASN A 89 5.01 24.17 -10.11
N GLY A 90 3.83 24.67 -10.51
CA GLY A 90 3.51 24.93 -11.91
C GLY A 90 3.03 23.73 -12.71
N GLN A 91 3.04 22.54 -12.11
CA GLN A 91 2.56 21.29 -12.70
C GLN A 91 1.05 21.22 -12.51
N SER A 92 0.33 20.71 -13.49
CA SER A 92 -1.09 20.50 -13.36
C SER A 92 -1.35 19.38 -12.37
N PHE A 93 -2.56 19.30 -11.87
CA PHE A 93 -2.88 18.31 -10.86
C PHE A 93 -2.65 16.91 -11.44
N VAL A 94 -3.19 16.67 -12.60
CA VAL A 94 -3.08 15.36 -13.28
C VAL A 94 -1.60 15.03 -13.59
N GLU A 95 -0.80 16.01 -14.10
CA GLU A 95 0.64 15.80 -14.39
C GLU A 95 1.40 15.40 -13.12
N GLY A 96 1.18 16.13 -12.02
CA GLY A 96 1.83 15.91 -10.75
C GLY A 96 1.51 14.54 -10.17
N LEU A 97 0.22 14.18 -10.20
CA LEU A 97 -0.23 12.89 -9.69
C LEU A 97 0.33 11.75 -10.55
N ARG A 98 0.28 11.87 -11.87
CA ARG A 98 0.80 10.83 -12.78
C ARG A 98 2.32 10.65 -12.57
N THR A 99 3.07 11.75 -12.54
CA THR A 99 4.55 11.74 -12.32
C THR A 99 4.87 11.10 -10.98
N PHE A 100 4.12 11.45 -9.93
CA PHE A 100 4.27 10.93 -8.58
C PHE A 100 4.08 9.40 -8.55
N LEU A 101 2.90 8.92 -9.00
CA LEU A 101 2.54 7.48 -9.02
C LEU A 101 3.51 6.64 -9.85
N LYS A 102 3.96 7.20 -11.00
CA LYS A 102 4.92 6.48 -11.88
C LYS A 102 6.35 6.35 -11.32
N THR A 103 6.63 7.10 -10.28
CA THR A 103 7.86 6.95 -9.53
C THR A 103 7.93 5.59 -8.83
N PHE A 104 6.80 5.03 -8.47
CA PHE A 104 6.75 3.82 -7.68
C PHE A 104 6.44 2.54 -8.42
N LYS A 105 6.78 1.08 -7.92
CA LYS A 105 6.03 -0.11 -7.79
C LYS A 105 5.16 0.16 -6.57
N LEU A 106 4.02 0.37 -7.07
CA LEU A 106 3.03 0.68 -6.07
C LEU A 106 2.63 -0.50 -5.23
N PRO A 107 2.41 -0.29 -3.96
CA PRO A 107 2.04 -1.41 -3.06
C PRO A 107 0.62 -1.90 -3.36
N GLY A 108 0.37 -3.16 -2.99
CA GLY A 108 -0.93 -3.81 -3.18
C GLY A 108 -1.75 -3.85 -1.90
N GLU A 109 -1.31 -3.13 -0.85
CA GLU A 109 -2.01 -3.02 0.44
C GLU A 109 -2.66 -1.66 0.52
N ALA A 110 -3.96 -1.63 0.91
CA ALA A 110 -4.75 -0.39 0.91
C ALA A 110 -4.13 0.72 1.77
N GLN A 111 -3.73 0.41 3.01
CA GLN A 111 -3.17 1.43 3.93
C GLN A 111 -1.89 2.03 3.41
N LYS A 112 -1.09 1.21 2.68
CA LYS A 112 0.15 1.62 2.03
C LYS A 112 -0.13 2.56 0.85
N ILE A 113 -1.06 2.19 -0.04
CA ILE A 113 -1.40 3.09 -1.19
C ILE A 113 -2.01 4.42 -0.67
N ASP A 114 -2.77 4.34 0.44
CA ASP A 114 -3.40 5.47 1.11
C ASP A 114 -2.31 6.44 1.60
N ARG A 115 -1.25 5.93 2.25
CA ARG A 115 -0.16 6.81 2.71
C ARG A 115 0.52 7.56 1.55
N LEU A 116 0.67 6.91 0.39
CA LEU A 116 1.27 7.54 -0.79
C LEU A 116 0.40 8.64 -1.37
N VAL A 117 -0.89 8.39 -1.50
CA VAL A 117 -1.84 9.36 -2.02
C VAL A 117 -1.95 10.56 -1.04
N GLN A 118 -1.95 10.30 0.27
CA GLN A 118 -1.98 11.36 1.30
C GLN A 118 -0.71 12.24 1.20
N SER A 119 0.45 11.61 0.98
CA SER A 119 1.72 12.30 0.84
C SER A 119 1.70 13.23 -0.38
N PHE A 120 1.28 12.73 -1.56
CA PHE A 120 1.18 13.56 -2.77
C PHE A 120 0.20 14.71 -2.54
N SER A 121 -0.97 14.41 -1.93
CA SER A 121 -2.04 15.39 -1.68
C SER A 121 -1.53 16.58 -0.85
N GLY A 122 -0.82 16.29 0.23
CA GLY A 122 -0.26 17.32 1.10
C GLY A 122 0.82 18.16 0.41
N ALA A 123 1.71 17.50 -0.35
CA ALA A 123 2.79 18.18 -1.05
C ALA A 123 2.30 18.98 -2.27
N TYR A 124 1.36 18.44 -3.05
CA TYR A 124 0.79 19.15 -4.20
C TYR A 124 0.06 20.39 -3.72
N PHE A 125 -0.73 20.25 -2.63
CA PHE A 125 -1.45 21.40 -2.08
C PHE A 125 -0.46 22.45 -1.54
N GLN A 126 0.56 22.03 -0.78
CA GLN A 126 1.55 22.94 -0.21
C GLN A 126 2.25 23.77 -1.30
N GLN A 127 2.64 23.10 -2.39
CA GLN A 127 3.32 23.76 -3.50
C GLN A 127 2.38 24.51 -4.43
N ASN A 128 1.05 24.20 -4.40
CA ASN A 128 0.05 24.83 -5.26
C ASN A 128 -1.24 25.19 -4.51
N PRO A 129 -1.18 26.08 -3.46
CA PRO A 129 -2.42 26.41 -2.70
C PRO A 129 -3.50 27.12 -3.51
N ASP A 130 -3.14 27.60 -4.68
CA ASP A 130 -3.97 28.30 -5.67
C ASP A 130 -4.67 27.34 -6.65
N VAL A 131 -4.27 26.05 -6.67
CA VAL A 131 -4.83 25.06 -7.64
C VAL A 131 -5.95 24.25 -6.98
N VAL A 132 -5.71 23.79 -5.77
CA VAL A 132 -6.67 23.02 -4.97
C VAL A 132 -6.90 23.74 -3.64
N SER A 133 -8.11 23.63 -3.06
CA SER A 133 -8.52 24.29 -1.83
C SER A 133 -7.77 23.83 -0.60
N ASN A 134 -7.48 22.53 -0.49
CA ASN A 134 -6.77 21.91 0.63
C ASN A 134 -6.31 20.50 0.23
N ALA A 135 -5.58 19.81 1.12
CA ALA A 135 -5.06 18.48 0.86
C ALA A 135 -6.16 17.38 0.80
N ASP A 136 -7.30 17.58 1.51
CA ASP A 136 -8.43 16.64 1.49
C ASP A 136 -9.12 16.63 0.15
N ALA A 137 -9.28 17.81 -0.46
CA ALA A 137 -9.88 17.93 -1.80
C ALA A 137 -8.91 17.30 -2.81
N ALA A 138 -7.60 17.51 -2.64
CA ALA A 138 -6.61 16.88 -3.52
C ALA A 138 -6.68 15.36 -3.37
N TYR A 139 -6.90 14.86 -2.15
CA TYR A 139 -7.00 13.42 -1.85
C TYR A 139 -8.20 12.76 -2.58
N LEU A 140 -9.38 13.41 -2.49
CA LEU A 140 -10.61 12.99 -3.14
C LEU A 140 -10.45 12.97 -4.67
N LEU A 141 -9.87 14.06 -5.24
CA LEU A 141 -9.59 14.18 -6.66
C LEU A 141 -8.60 13.12 -7.09
N ALA A 142 -7.53 12.89 -6.29
CA ALA A 142 -6.50 11.88 -6.63
C ALA A 142 -7.07 10.49 -6.85
N PHE A 143 -7.87 9.99 -5.88
CA PHE A 143 -8.51 8.68 -6.00
C PHE A 143 -9.49 8.64 -7.17
N GLN A 144 -10.19 9.75 -7.43
CA GLN A 144 -11.11 9.80 -8.57
C GLN A 144 -10.37 9.69 -9.89
N THR A 145 -9.25 10.46 -10.02
CA THR A 145 -8.40 10.57 -11.21
C THR A 145 -7.79 9.21 -11.55
N ILE A 146 -7.27 8.50 -10.55
CA ILE A 146 -6.67 7.18 -10.74
C ILE A 146 -7.72 6.20 -11.33
N MET A 147 -8.90 6.14 -10.68
CA MET A 147 -9.97 5.23 -11.07
C MET A 147 -10.48 5.55 -12.46
N LEU A 148 -10.80 6.85 -12.74
CA LEU A 148 -11.27 7.28 -14.05
C LEU A 148 -10.23 7.02 -15.14
N ASN A 149 -8.98 7.41 -14.89
CA ASN A 149 -7.91 7.18 -15.87
C ASN A 149 -7.78 5.72 -16.24
N THR A 150 -7.81 4.81 -15.25
CA THR A 150 -7.71 3.38 -15.47
C THR A 150 -8.84 2.89 -16.41
N ASP A 151 -10.08 3.29 -16.13
CA ASP A 151 -11.22 2.86 -16.95
C ASP A 151 -11.27 3.47 -18.32
N LEU A 152 -11.03 4.79 -18.46
CA LEU A 152 -11.08 5.49 -19.76
C LEU A 152 -10.10 4.90 -20.76
N HIS A 153 -8.93 4.45 -20.26
CA HIS A 153 -7.83 3.87 -21.05
C HIS A 153 -7.93 2.35 -21.16
N ASN A 154 -9.01 1.74 -20.63
CA ASN A 154 -9.21 0.31 -20.78
C ASN A 154 -10.13 0.11 -22.02
N PRO A 155 -9.58 -0.34 -23.18
CA PRO A 155 -10.41 -0.51 -24.39
C PRO A 155 -11.49 -1.57 -24.26
N SER A 156 -11.36 -2.49 -23.29
CA SER A 156 -12.36 -3.54 -23.13
C SER A 156 -13.62 -3.05 -22.45
N ILE A 157 -13.55 -1.90 -21.76
CA ILE A 157 -14.73 -1.35 -21.10
C ILE A 157 -15.61 -0.66 -22.13
N PRO A 158 -16.91 -1.03 -22.23
CA PRO A 158 -17.77 -0.37 -23.24
C PRO A 158 -17.76 1.17 -23.10
N GLU A 159 -17.60 1.88 -24.24
CA GLU A 159 -17.54 3.34 -24.28
C GLU A 159 -18.77 3.99 -23.61
N LYS A 160 -19.93 3.34 -23.80
CA LYS A 160 -21.21 3.74 -23.22
C LYS A 160 -21.20 3.90 -21.68
N ASN A 161 -20.33 3.17 -20.94
CA ASN A 161 -20.27 3.24 -19.46
C ASN A 161 -19.43 4.36 -18.95
N LYS A 162 -18.52 4.86 -19.79
CA LYS A 162 -17.49 5.81 -19.40
C LYS A 162 -18.01 7.20 -19.03
N MET A 163 -17.60 7.67 -17.84
CA MET A 163 -17.97 8.96 -17.27
C MET A 163 -17.51 10.03 -18.23
N THR A 164 -18.41 10.95 -18.51
CA THR A 164 -18.20 12.11 -19.35
C THR A 164 -17.76 13.29 -18.51
N VAL A 165 -17.45 14.40 -19.15
CA VAL A 165 -17.07 15.59 -18.42
C VAL A 165 -18.23 16.08 -17.54
N TYR A 166 -19.46 16.07 -18.06
CA TYR A 166 -20.64 16.42 -17.28
C TYR A 166 -20.80 15.47 -16.11
N GLY A 167 -20.58 14.18 -16.36
CA GLY A 167 -20.70 13.12 -15.37
C GLY A 167 -19.72 13.34 -14.25
N LEU A 168 -18.51 13.79 -14.62
CA LEU A 168 -17.44 14.06 -13.64
C LEU A 168 -17.81 15.21 -12.72
N LYS A 169 -18.40 16.28 -13.29
CA LYS A 169 -18.85 17.47 -12.52
C LYS A 169 -19.97 17.06 -11.55
N ARG A 170 -20.93 16.27 -12.01
CA ARG A 170 -22.03 15.77 -11.14
C ARG A 170 -21.44 14.88 -10.06
N ASN A 171 -20.46 14.05 -10.42
CA ASN A 171 -19.80 13.13 -9.49
C ASN A 171 -19.03 13.78 -8.34
N LEU A 172 -18.47 14.98 -8.56
CA LEU A 172 -17.65 15.69 -7.58
C LEU A 172 -18.37 16.80 -6.79
N ARG A 173 -19.70 16.95 -7.00
CA ARG A 173 -20.51 17.93 -6.26
C ARG A 173 -20.31 17.82 -4.76
N GLY A 174 -19.96 18.94 -4.10
CA GLY A 174 -19.77 18.98 -2.67
C GLY A 174 -18.46 18.39 -2.17
N GLY A 175 -17.57 18.00 -3.09
CA GLY A 175 -16.28 17.39 -2.75
C GLY A 175 -15.11 18.36 -2.60
N ASN A 176 -15.36 19.67 -2.87
CA ASN A 176 -14.34 20.71 -2.77
C ASN A 176 -14.56 21.52 -1.53
N ASN A 177 -14.04 21.05 -0.39
CA ASN A 177 -14.17 21.77 0.88
C ASN A 177 -15.67 22.00 1.23
N GLY A 178 -16.53 21.01 0.92
CA GLY A 178 -17.97 21.11 1.14
C GLY A 178 -18.70 21.77 -0.01
N GLY A 179 -17.94 22.30 -0.96
CA GLY A 179 -18.46 22.98 -2.14
C GLY A 179 -18.07 22.28 -3.42
N ASP A 180 -18.09 23.00 -4.53
CA ASP A 180 -17.80 22.45 -5.85
C ASP A 180 -16.49 22.92 -6.45
N PHE A 181 -15.91 22.07 -7.28
CA PHE A 181 -14.70 22.39 -7.97
C PHE A 181 -15.08 23.30 -9.13
N ASP A 182 -14.20 24.22 -9.46
CA ASP A 182 -14.41 25.14 -10.59
C ASP A 182 -14.68 24.30 -11.89
N ALA A 183 -15.71 24.69 -12.68
CA ALA A 183 -16.07 23.97 -13.91
C ALA A 183 -14.91 23.80 -14.90
N LYS A 184 -14.15 24.88 -15.12
CA LYS A 184 -13.01 24.94 -16.03
C LYS A 184 -11.90 24.03 -15.51
N PHE A 185 -11.65 24.01 -14.17
CA PHE A 185 -10.66 23.13 -13.56
C PHE A 185 -10.99 21.66 -13.90
N LEU A 186 -12.28 21.27 -13.74
CA LEU A 186 -12.72 19.89 -14.02
C LEU A 186 -12.72 19.53 -15.50
N GLU A 187 -12.98 20.50 -16.38
CA GLU A 187 -12.94 20.25 -17.84
C GLU A 187 -11.51 19.94 -18.26
N GLU A 188 -10.57 20.64 -17.67
CA GLU A 188 -9.15 20.47 -17.89
C GLU A 188 -8.63 19.18 -17.24
N LEU A 189 -9.05 18.92 -16.03
CA LEU A 189 -8.78 17.68 -15.36
C LEU A 189 -9.19 16.47 -16.20
N TYR A 190 -10.44 16.47 -16.65
CA TYR A 190 -10.94 15.46 -17.54
C TYR A 190 -10.16 15.30 -18.86
N SER A 191 -9.87 16.40 -19.52
CA SER A 191 -9.08 16.43 -20.76
C SER A 191 -7.71 15.76 -20.58
N GLU A 192 -7.02 16.03 -19.45
CA GLU A 192 -5.70 15.45 -19.17
C GLU A 192 -5.79 13.97 -18.79
N ILE A 193 -6.85 13.58 -18.08
CA ILE A 193 -7.09 12.16 -17.74
C ILE A 193 -7.30 11.36 -19.06
N LYS A 194 -8.14 11.90 -19.94
CA LYS A 194 -8.47 11.31 -21.23
C LYS A 194 -7.28 11.21 -22.21
N ALA A 195 -6.38 12.20 -22.19
CA ALA A 195 -5.24 12.27 -23.11
C ALA A 195 -4.17 11.21 -22.97
N LYS A 196 -3.89 10.77 -21.73
CA LYS A 196 -2.78 9.88 -21.50
C LYS A 196 -3.07 8.82 -20.45
N PRO A 197 -2.77 7.53 -20.72
CA PRO A 197 -2.93 6.50 -19.67
C PRO A 197 -1.86 6.65 -18.59
N PHE A 198 -2.19 6.38 -17.33
CA PHE A 198 -1.17 6.46 -16.27
C PHE A 198 -0.17 5.31 -16.39
N GLU A 199 -0.65 4.14 -16.89
CA GLU A 199 0.18 2.92 -17.05
C GLU A 199 0.87 2.59 -15.73
N LEU A 200 0.04 2.57 -14.71
CA LEU A 200 0.44 2.43 -13.34
C LEU A 200 1.19 1.07 -13.10
N ASN A 201 2.29 0.77 -12.36
N ASN A 201 2.27 0.73 -12.32
CA ASN A 201 2.84 -0.53 -12.10
CA ASN A 201 2.87 -0.55 -12.14
C ASN A 201 2.76 -0.80 -10.65
C ASN A 201 2.79 -0.83 -10.67
N PHE A 202 2.03 -1.84 -10.31
CA PHE A 202 1.87 -2.32 -8.93
C PHE A 202 2.74 -3.53 -8.71
N VAL A 203 3.09 -3.82 -7.45
CA VAL A 203 3.80 -5.06 -7.09
C VAL A 203 2.83 -6.23 -7.48
N ASP A 204 3.37 -7.39 -7.84
CA ASP A 204 2.55 -8.56 -8.19
C ASP A 204 2.04 -9.22 -6.92
N SER A 205 2.78 -9.05 -5.83
CA SER A 205 2.47 -9.65 -4.55
C SER A 205 2.96 -8.74 -3.45
N SER A 206 2.31 -8.82 -2.29
CA SER A 206 2.66 -8.00 -1.13
C SER A 206 3.52 -8.81 -0.12
N PRO A 207 4.30 -8.14 0.78
CA PRO A 207 5.08 -8.88 1.80
C PRO A 207 4.22 -9.83 2.64
N GLY A 208 4.81 -10.98 2.94
CA GLY A 208 4.14 -12.02 3.72
C GLY A 208 3.46 -13.03 2.84
N TYR A 209 2.33 -13.57 3.33
CA TYR A 209 1.56 -14.58 2.62
C TYR A 209 0.33 -13.99 1.96
N GLN A 210 0.14 -14.34 0.69
CA GLN A 210 -0.98 -13.81 -0.08
C GLN A 210 -1.75 -14.93 -0.74
N ILE A 211 -3.07 -14.83 -0.70
CA ILE A 211 -3.97 -15.80 -1.34
C ILE A 211 -4.90 -15.01 -2.24
N ASN A 212 -4.67 -15.10 -3.56
CA ASN A 212 -5.51 -14.41 -4.55
C ASN A 212 -6.67 -15.29 -4.94
N ASN A 213 -7.71 -14.68 -5.52
CA ASN A 213 -8.90 -15.37 -6.06
C ASN A 213 -9.55 -16.29 -5.02
N ILE A 214 -9.57 -15.82 -3.76
CA ILE A 214 -10.15 -16.58 -2.64
C ILE A 214 -11.66 -16.37 -2.64
N SER A 215 -12.44 -17.39 -2.28
CA SER A 215 -13.90 -17.23 -2.20
C SER A 215 -14.57 -18.09 -1.13
N SER A 216 -15.78 -17.69 -0.71
CA SER A 216 -16.61 -18.43 0.23
C SER A 216 -17.00 -19.77 -0.40
N GLN A 217 -17.12 -19.80 -1.73
CA GLN A 217 -17.49 -20.99 -2.50
C GLN A 217 -16.32 -21.96 -2.61
N ASN A 218 -15.08 -21.46 -2.67
CA ASN A 218 -13.88 -22.30 -2.83
C ASN A 218 -13.06 -22.56 -1.55
N ASP A 219 -13.33 -21.82 -0.44
CA ASP A 219 -12.58 -21.96 0.82
C ASP A 219 -13.49 -21.94 2.09
N LYS A 220 -13.48 -23.03 2.88
CA LYS A 220 -14.28 -23.15 4.12
C LYS A 220 -13.86 -22.19 5.21
N THR A 221 -12.53 -21.93 5.33
CA THR A 221 -12.01 -20.97 6.32
C THR A 221 -12.41 -19.54 5.92
N PHE A 222 -12.29 -19.20 4.63
CA PHE A 222 -12.70 -17.88 4.17
C PHE A 222 -14.22 -17.71 4.26
N LYS A 223 -15.00 -18.79 3.93
CA LYS A 223 -16.46 -18.80 4.02
C LYS A 223 -16.90 -18.37 5.44
N GLN A 224 -16.28 -18.99 6.47
CA GLN A 224 -16.57 -18.73 7.87
C GLN A 224 -16.14 -17.31 8.29
N LEU A 225 -14.91 -16.91 7.92
CA LEU A 225 -14.41 -15.57 8.21
C LEU A 225 -15.31 -14.50 7.61
N ASN A 226 -15.65 -14.65 6.33
CA ASN A 226 -16.52 -13.73 5.60
C ASN A 226 -17.93 -13.63 6.24
N GLN A 227 -18.50 -14.77 6.72
CA GLN A 227 -19.80 -14.82 7.39
C GLN A 227 -19.79 -13.91 8.64
N PHE A 228 -18.70 -13.92 9.44
CA PHE A 228 -18.59 -13.05 10.61
C PHE A 228 -18.59 -11.60 10.19
N LEU A 229 -17.84 -11.27 9.13
CA LEU A 229 -17.75 -9.92 8.57
C LEU A 229 -19.10 -9.44 8.05
N GLU A 230 -19.78 -10.27 7.28
CA GLU A 230 -21.07 -9.93 6.73
C GLU A 230 -22.24 -9.80 7.73
N GLU A 231 -22.21 -10.57 8.81
CA GLU A 231 -23.22 -10.50 9.83
C GLU A 231 -22.75 -9.58 10.93
N LYS A 232 -21.60 -8.98 10.78
CA LYS A 232 -21.02 -8.14 11.81
C LYS A 232 -20.98 -8.78 13.19
N ARG A 233 -20.57 -10.03 13.26
CA ARG A 233 -20.51 -10.70 14.55
C ARG A 233 -19.06 -10.68 15.04
N ASN A 234 -18.56 -11.11 16.09
CA ASN A 234 -17.17 -11.25 16.53
C ASN A 234 -16.55 -12.46 15.83
N ILE A 235 -15.30 -12.31 15.37
CA ILE A 235 -14.57 -13.39 14.69
C ILE A 235 -14.13 -14.42 15.73
N GLN A 236 -14.52 -15.66 15.52
CA GLN A 236 -14.14 -16.76 16.39
C GLN A 236 -12.96 -17.54 15.76
N ASN A 237 -12.28 -18.40 16.56
CA ASN A 237 -11.19 -19.23 16.10
C ASN A 237 -11.76 -20.37 15.23
N ILE A 238 -11.76 -20.14 13.91
CA ILE A 238 -12.26 -21.08 12.90
C ILE A 238 -11.08 -21.69 12.11
N PHE A 239 -9.87 -21.51 12.63
CA PHE A 239 -8.62 -21.91 12.00
C PHE A 239 -8.22 -23.36 12.35
N PRO A 240 -8.30 -24.31 11.39
CA PRO A 240 -8.00 -25.73 11.70
C PRO A 240 -6.62 -26.02 12.30
N LYS A 241 -5.58 -25.20 12.02
CA LYS A 241 -4.24 -25.43 12.57
C LYS A 241 -4.07 -24.81 13.96
N LEU A 242 -5.11 -24.13 14.41
CA LEU A 242 -5.10 -23.44 15.67
C LEU A 242 -6.22 -23.87 16.64
N GLN A 243 -6.81 -25.02 16.41
CA GLN A 243 -7.96 -25.48 17.19
C GLN A 243 -7.72 -25.83 18.68
N ASN A 244 -6.46 -25.95 19.09
CA ASN A 244 -6.11 -26.15 20.50
C ASN A 244 -5.57 -24.87 21.10
N ASN A 245 -5.53 -23.77 20.29
CA ASN A 245 -5.01 -22.47 20.70
C ASN A 245 -6.13 -21.57 21.17
N ASN A 246 -5.89 -20.84 22.26
CA ASN A 246 -6.82 -19.87 22.80
C ASN A 246 -6.38 -18.48 22.30
N LEU A 247 -6.96 -18.09 21.19
CA LEU A 247 -6.68 -16.83 20.52
C LEU A 247 -7.48 -15.65 21.03
N THR A 248 -6.91 -14.48 20.83
CA THR A 248 -7.55 -13.21 21.05
C THR A 248 -7.72 -12.54 19.68
N ILE A 249 -8.95 -12.35 19.23
CA ILE A 249 -9.21 -11.85 17.91
C ILE A 249 -9.99 -10.53 17.92
N GLU A 250 -9.44 -9.57 17.22
CA GLU A 250 -9.92 -8.19 17.06
C GLU A 250 -10.07 -7.93 15.56
N PHE A 251 -10.98 -7.04 15.20
CA PHE A 251 -11.17 -6.61 13.82
C PHE A 251 -11.09 -5.09 13.76
N LYS A 252 -10.17 -4.57 12.91
CA LYS A 252 -9.96 -3.13 12.74
C LYS A 252 -10.59 -2.70 11.43
N ASN A 253 -11.64 -1.87 11.52
CA ASN A 253 -12.40 -1.39 10.38
C ASN A 253 -11.66 -0.31 9.63
N PRO A 254 -11.73 -0.33 8.29
CA PRO A 254 -11.03 0.73 7.53
C PRO A 254 -11.93 1.97 7.45
N LYS A 255 -11.38 3.08 6.95
CA LYS A 255 -12.19 4.26 6.65
C LYS A 255 -13.02 3.85 5.44
N THR A 256 -14.30 4.20 5.42
CA THR A 256 -15.24 3.82 4.36
C THR A 256 -14.81 4.24 2.97
N PHE A 257 -14.23 5.46 2.86
CA PHE A 257 -13.74 5.99 1.59
C PHE A 257 -12.67 5.01 1.04
N LEU A 258 -11.63 4.72 1.81
CA LEU A 258 -10.55 3.81 1.42
C LEU A 258 -11.06 2.40 1.01
N SER A 259 -11.98 1.82 1.80
CA SER A 259 -12.63 0.54 1.55
C SER A 259 -13.27 0.50 0.14
N LYS A 260 -13.98 1.59 -0.24
CA LYS A 260 -14.64 1.69 -1.54
C LYS A 260 -13.65 1.72 -2.68
N PHE A 261 -12.55 2.44 -2.52
CA PHE A 261 -11.54 2.58 -3.57
C PHE A 261 -10.54 1.45 -3.67
N THR A 262 -10.46 0.57 -2.67
CA THR A 262 -9.46 -0.51 -2.71
C THR A 262 -10.02 -1.88 -2.42
N GLY A 263 -11.23 -1.91 -1.86
CA GLY A 263 -11.88 -3.17 -1.49
C GLY A 263 -11.40 -3.72 -0.16
N TYR A 264 -10.59 -2.93 0.57
CA TYR A 264 -10.06 -3.32 1.87
C TYR A 264 -11.20 -3.29 2.87
N LYS A 265 -11.59 -4.47 3.36
CA LYS A 265 -12.70 -4.61 4.31
C LYS A 265 -12.23 -4.43 5.75
N GLY A 266 -10.93 -4.52 5.96
CA GLY A 266 -10.35 -4.36 7.29
C GLY A 266 -9.37 -5.46 7.64
N SER A 267 -8.78 -5.33 8.83
CA SER A 267 -7.78 -6.27 9.32
C SER A 267 -8.20 -7.04 10.56
N VAL A 268 -8.04 -8.37 10.50
CA VAL A 268 -8.24 -9.32 11.58
C VAL A 268 -6.90 -9.36 12.30
N ILE A 269 -6.87 -8.94 13.59
CA ILE A 269 -5.67 -8.94 14.41
C ILE A 269 -5.80 -10.14 15.33
N ILE A 270 -4.84 -11.07 15.21
CA ILE A 270 -4.82 -12.33 15.97
C ILE A 270 -3.60 -12.45 16.85
N LYS A 271 -3.86 -12.72 18.15
CA LYS A 271 -2.82 -12.91 19.15
C LYS A 271 -3.02 -14.24 19.85
N ASP A 272 -1.95 -14.99 20.01
CA ASP A 272 -2.00 -16.23 20.76
C ASP A 272 -1.51 -16.08 22.19
N GLU A 273 -1.40 -17.20 22.89
CA GLU A 273 -1.03 -17.24 24.31
C GLU A 273 0.49 -17.04 24.55
N LYS A 274 1.29 -17.14 23.49
CA LYS A 274 2.73 -17.00 23.55
C LYS A 274 3.29 -15.72 22.92
N SER A 275 2.48 -14.71 22.97
CA SER A 275 2.77 -13.35 22.49
C SER A 275 2.88 -13.18 20.97
N GLY A 276 2.56 -14.23 20.22
CA GLY A 276 2.53 -14.21 18.77
C GLY A 276 1.43 -13.28 18.29
N ALA A 277 1.73 -12.43 17.29
CA ALA A 277 0.77 -11.49 16.73
C ALA A 277 0.86 -11.47 15.21
N ALA A 278 -0.31 -11.50 14.55
CA ALA A 278 -0.38 -11.57 13.08
C ALA A 278 -1.62 -10.87 12.56
N GLU A 279 -1.57 -10.39 11.32
CA GLU A 279 -2.68 -9.65 10.73
C GLU A 279 -3.21 -10.27 9.44
N ILE A 280 -4.55 -10.33 9.29
CA ILE A 280 -5.18 -10.78 8.07
C ILE A 280 -5.82 -9.56 7.41
N GLN A 281 -5.28 -9.12 6.28
CA GLN A 281 -5.90 -8.02 5.52
C GLN A 281 -6.86 -8.67 4.53
N VAL A 282 -8.15 -8.29 4.62
CA VAL A 282 -9.27 -8.80 3.82
C VAL A 282 -9.67 -7.76 2.75
N TYR A 283 -9.70 -8.22 1.48
CA TYR A 283 -10.09 -7.44 0.31
C TYR A 283 -11.15 -8.15 -0.46
N LYS A 284 -12.20 -7.43 -0.79
CA LYS A 284 -13.29 -8.00 -1.59
C LYS A 284 -13.70 -6.94 -2.63
N PRO A 285 -13.99 -7.34 -3.90
CA PRO A 285 -14.45 -6.35 -4.91
C PRO A 285 -15.50 -5.38 -4.37
N SER A 286 -15.25 -4.10 -4.58
CA SER A 286 -16.09 -3.05 -4.08
C SER A 286 -16.44 -2.05 -5.19
N ILE A 287 -17.27 -1.09 -4.87
CA ILE A 287 -17.75 -0.15 -5.85
C ILE A 287 -16.66 0.54 -6.68
N PHE A 288 -15.64 1.07 -6.05
CA PHE A 288 -14.56 1.81 -6.72
C PHE A 288 -13.17 1.16 -6.70
N SER A 289 -13.10 -0.15 -6.56
CA SER A 289 -11.86 -0.85 -6.31
C SER A 289 -11.17 -1.59 -7.45
N ARG A 290 -11.81 -1.71 -8.59
CA ARG A 290 -11.33 -2.59 -9.62
C ARG A 290 -9.93 -2.25 -10.10
N TRP A 291 -9.62 -0.98 -10.16
CA TRP A 291 -8.28 -0.69 -10.69
C TRP A 291 -7.19 -1.11 -9.73
N PHE A 292 -7.53 -1.19 -8.44
CA PHE A 292 -6.57 -1.59 -7.41
C PHE A 292 -6.55 -3.08 -7.18
N LEU A 293 -7.75 -3.69 -7.13
CA LEU A 293 -7.91 -5.09 -6.75
C LEU A 293 -8.19 -6.04 -7.92
N GLY A 294 -8.73 -5.52 -9.00
CA GLY A 294 -9.18 -6.41 -10.06
C GLY A 294 -10.55 -6.95 -9.68
N GLU A 295 -10.96 -8.05 -10.28
CA GLU A 295 -12.30 -8.58 -10.09
C GLU A 295 -12.47 -9.62 -8.98
N LYS A 296 -11.37 -10.05 -8.35
CA LYS A 296 -11.44 -11.09 -7.33
C LYS A 296 -11.00 -10.66 -5.94
N SER A 297 -11.36 -11.46 -4.94
CA SER A 297 -11.01 -11.23 -3.54
C SER A 297 -9.59 -11.72 -3.27
N LYS A 298 -8.98 -11.19 -2.21
CA LYS A 298 -7.65 -11.58 -1.78
C LYS A 298 -7.48 -11.34 -0.27
N ILE A 299 -6.57 -12.13 0.32
CA ILE A 299 -6.17 -12.01 1.71
C ILE A 299 -4.65 -11.93 1.80
N ILE A 300 -4.16 -11.06 2.70
CA ILE A 300 -2.73 -10.89 2.96
C ILE A 300 -2.49 -11.16 4.46
N ILE A 301 -1.64 -12.16 4.76
CA ILE A 301 -1.30 -12.54 6.14
C ILE A 301 0.14 -12.18 6.47
N GLN A 302 0.33 -11.45 7.58
CA GLN A 302 1.67 -11.04 7.98
C GLN A 302 1.90 -11.16 9.46
N PRO A 303 3.15 -11.53 9.90
CA PRO A 303 3.47 -11.47 11.33
C PRO A 303 3.47 -9.98 11.73
N LEU A 304 2.86 -9.65 12.85
CA LEU A 304 2.74 -8.25 13.25
C LEU A 304 3.98 -7.62 13.93
N ARG A 305 4.45 -6.51 13.36
CA ARG A 305 5.54 -5.71 13.93
C ARG A 305 4.89 -4.94 15.10
N GLU A 306 5.55 -4.92 16.26
CA GLU A 306 4.98 -4.23 17.44
C GLU A 306 6.01 -3.33 18.10
N GLU A 307 5.56 -2.12 18.55
CA GLU A 307 6.38 -1.09 19.21
C GLU A 307 7.71 -0.76 18.46
N GLY A 308 7.62 -0.61 17.13
CA GLY A 308 8.74 -0.30 16.25
C GLY A 308 9.84 -1.35 16.20
N ARG A 309 9.53 -2.56 16.66
CA ARG A 309 10.46 -3.69 16.67
C ARG A 309 9.92 -4.78 15.73
N GLN A 310 10.81 -5.66 15.24
CA GLN A 310 10.46 -6.77 14.35
C GLN A 310 9.47 -7.73 15.02
N PRO A 311 8.64 -8.49 14.27
CA PRO A 311 7.81 -9.51 14.94
C PRO A 311 8.71 -10.62 15.48
N SER A 312 8.26 -11.31 16.52
CA SER A 312 9.02 -12.44 17.10
C SER A 312 8.91 -13.65 16.19
N GLU A 313 9.71 -14.68 16.47
CA GLU A 313 9.65 -15.97 15.76
C GLU A 313 8.24 -16.57 15.94
N GLN A 314 7.64 -16.37 17.14
CA GLN A 314 6.28 -16.82 17.51
C GLN A 314 5.22 -16.22 16.57
N SER A 315 5.34 -14.92 16.26
CA SER A 315 4.47 -14.18 15.34
C SER A 315 4.56 -14.75 13.90
N LEU A 316 5.80 -15.03 13.43
CA LEU A 316 6.06 -15.63 12.14
C LEU A 316 5.37 -17.00 12.06
N LYS A 317 5.48 -17.81 13.15
CA LYS A 317 4.82 -19.12 13.21
C LYS A 317 3.30 -18.94 13.15
N LEU A 318 2.75 -18.02 13.97
CA LEU A 318 1.31 -17.73 13.97
C LEU A 318 0.81 -17.30 12.59
N ALA A 319 1.57 -16.42 11.87
CA ALA A 319 1.18 -16.00 10.51
C ALA A 319 1.15 -17.22 9.57
N ALA A 320 2.15 -18.13 9.66
CA ALA A 320 2.16 -19.36 8.85
C ALA A 320 1.02 -20.32 9.21
N GLN A 321 0.66 -20.45 10.52
CA GLN A 321 -0.44 -21.32 11.01
C GLN A 321 -1.79 -20.84 10.49
N ILE A 322 -2.01 -19.51 10.55
CA ILE A 322 -3.23 -18.86 10.07
C ILE A 322 -3.34 -19.10 8.57
N THR A 323 -2.23 -18.87 7.83
CA THR A 323 -2.20 -19.04 6.38
C THR A 323 -2.50 -20.48 5.98
N ALA A 324 -1.88 -21.46 6.66
CA ALA A 324 -2.07 -22.89 6.36
C ALA A 324 -3.47 -23.38 6.74
N SER A 325 -4.21 -22.60 7.56
CA SER A 325 -5.57 -22.89 8.01
C SER A 325 -6.59 -22.64 6.91
N PHE A 326 -6.28 -21.78 5.93
CA PHE A 326 -7.18 -21.56 4.82
C PHE A 326 -7.05 -22.77 3.90
N GLU A 327 -8.18 -23.23 3.34
CA GLU A 327 -8.16 -24.41 2.45
C GLU A 327 -7.34 -24.17 1.20
N THR A 328 -7.40 -22.94 0.66
CA THR A 328 -6.66 -22.54 -0.54
C THR A 328 -5.17 -22.43 -0.25
N LYS A 329 -4.35 -23.07 -1.10
CA LYS A 329 -2.91 -22.92 -0.96
C LYS A 329 -2.52 -21.46 -1.30
N VAL A 330 -1.45 -20.98 -0.70
CA VAL A 330 -0.94 -19.64 -0.87
C VAL A 330 -0.49 -19.38 -2.34
N THR A 331 -0.79 -18.23 -2.92
CA THR A 331 -0.44 -17.88 -4.30
C THR A 331 0.97 -17.30 -4.36
N SER A 332 1.43 -16.72 -3.26
CA SER A 332 2.75 -16.14 -3.19
C SER A 332 3.20 -15.98 -1.75
N ILE A 333 4.51 -16.11 -1.55
CA ILE A 333 5.19 -15.91 -0.28
C ILE A 333 6.23 -14.85 -0.58
N LYS A 334 6.22 -13.74 0.17
CA LYS A 334 7.17 -12.66 -0.08
C LYS A 334 7.86 -12.26 1.19
N ALA A 335 9.16 -11.90 1.12
CA ALA A 335 9.92 -11.46 2.31
C ALA A 335 9.23 -10.28 2.98
N THR A 336 9.30 -10.22 4.30
CA THR A 336 8.80 -9.05 5.03
C THR A 336 10.05 -8.20 5.25
N TYR A 337 9.92 -7.02 5.87
CA TYR A 337 11.08 -6.17 6.14
C TYR A 337 12.10 -6.90 7.06
N ASP A 338 11.59 -7.76 7.96
CA ASP A 338 12.39 -8.48 8.96
C ASP A 338 12.73 -9.94 8.67
N TYR A 339 11.87 -10.62 7.92
CA TYR A 339 12.04 -12.03 7.62
C TYR A 339 12.21 -12.27 6.15
N LEU A 340 13.24 -13.06 5.82
CA LEU A 340 13.55 -13.43 4.45
C LEU A 340 12.42 -14.30 3.89
N LYS A 341 12.27 -14.33 2.56
CA LYS A 341 11.25 -15.18 1.92
C LYS A 341 11.39 -16.66 2.35
N GLU A 342 12.64 -17.14 2.50
CA GLU A 342 12.92 -18.53 2.87
C GLU A 342 12.41 -18.90 4.24
N ASP A 343 12.42 -17.94 5.20
CA ASP A 343 11.95 -18.14 6.57
C ASP A 343 10.45 -18.29 6.56
N LEU A 344 9.75 -17.38 5.67
CA LEU A 344 8.31 -17.53 5.57
C LEU A 344 7.95 -18.85 4.89
N LYS A 345 8.59 -19.25 3.89
CA LYS A 345 8.30 -20.44 3.11
C LYS A 345 8.48 -21.70 3.94
N SER A 346 9.61 -21.84 4.66
CA SER A 346 9.85 -23.04 5.45
C SER A 346 8.83 -23.19 6.58
N GLN A 347 8.53 -22.09 7.31
CA GLN A 347 7.50 -22.09 8.37
C GLN A 347 6.15 -22.54 7.77
N TYR A 348 5.77 -22.02 6.60
CA TYR A 348 4.55 -22.43 5.92
C TYR A 348 4.58 -23.92 5.52
N ASP A 349 5.67 -24.35 4.83
CA ASP A 349 5.88 -25.73 4.38
C ASP A 349 5.90 -26.74 5.56
N ASN A 350 6.45 -26.34 6.73
CA ASN A 350 6.48 -27.21 7.93
C ASN A 350 5.07 -27.43 8.51
N ILE A 351 4.21 -26.39 8.49
CA ILE A 351 2.84 -26.43 9.00
C ILE A 351 1.89 -27.04 7.97
N ARG A 352 1.92 -26.54 6.72
CA ARG A 352 1.10 -27.02 5.60
C ARG A 352 1.64 -28.37 5.15
#